data_7XOT
#
_entry.id   7XOT
#
_cell.length_a   126.771
_cell.length_b   76.309
_cell.length_c   48.248
_cell.angle_alpha   90.000
_cell.angle_beta   105.622
_cell.angle_gamma   90.000
#
_symmetry.space_group_name_H-M   'C 1 2 1'
#
loop_
_entity.id
_entity.type
_entity.pdbx_description
1 polymer 'Kelch-like ECH-associated protein 1'
2 non-polymer 2-[[4-[(2-azanyl-2-oxidanylidene-ethyl)-(4-methoxyphenyl)sulfonyl-amino]naphthalen-1-yl]-[4-(2-diethoxyphosphorylethanoylamino)phenyl]sulfonyl-amino]ethanamide
#
_entity_poly.entity_id   1
_entity_poly.type   'polypeptide(L)'
_entity_poly.pdbx_seq_one_letter_code
;GSHAPKVGRLIYTAGGYFRQSLSYLEAYNPSDGTWLRLADLQVPRSGLAGCVVGGLLYAVGGRNNSPDGNTDSSALDCYN
PMTNQWSPCAPMSVPRNRIGVGVIDGHIYAVGGSHGCIHHNSVERYEPERDEWHLVAPMLTRRIGVGVAVLNRLLYAVGG
FDGTNRLNSAECYYPERNEWRMITAMNTIRSGAGVCVLHNCIYAAGGYDGQDQLNSVERYDVETETWTFVAPMKHRRSAL
GITVHQGRIYVLGGYDGHTFLDSVECYDPDTDTWSEVTRMTSGRSGVGVAVT
;
_entity_poly.pdbx_strand_id   A
#
loop_
_chem_comp.id
_chem_comp.type
_chem_comp.name
_chem_comp.formula
HB6 non-polymer 2-[[4-[(2-azanyl-2-oxidanylidene-ethyl)-(4-methoxyphenyl)sulfonyl-amino]naphthalen-1-yl]-[4-(2-diethoxyphosphorylethanoylamino)phenyl]sulfonyl-amino]ethanamide 'C33 H38 N5 O11 P S2'
#
# COMPACT_ATOMS: atom_id res chain seq x y z
N GLY A 8 -1.16 -19.30 12.05
CA GLY A 8 -0.56 -19.24 10.73
C GLY A 8 -1.32 -18.34 9.77
N ARG A 9 -0.89 -17.07 9.72
CA ARG A 9 -1.51 -16.05 8.89
C ARG A 9 -1.10 -16.22 7.43
N LEU A 10 -1.93 -15.71 6.53
CA LEU A 10 -1.66 -15.71 5.11
C LEU A 10 -1.39 -14.29 4.59
N ILE A 11 -0.73 -14.21 3.44
CA ILE A 11 -0.56 -12.96 2.69
C ILE A 11 -1.66 -12.89 1.64
N TYR A 12 -2.54 -11.91 1.74
CA TYR A 12 -3.67 -11.75 0.83
C TYR A 12 -3.36 -10.68 -0.21
N THR A 13 -3.62 -10.99 -1.49
CA THR A 13 -3.44 -10.05 -2.58
C THR A 13 -4.77 -9.84 -3.30
N ALA A 14 -5.25 -8.59 -3.31
CA ALA A 14 -6.56 -8.23 -3.88
C ALA A 14 -6.39 -7.40 -5.15
N GLY A 15 -7.11 -7.81 -6.20
CA GLY A 15 -7.18 -7.01 -7.43
C GLY A 15 -5.84 -6.93 -8.14
N GLY A 16 -5.59 -5.80 -8.76
CA GLY A 16 -4.40 -5.59 -9.56
C GLY A 16 -4.76 -5.25 -11.00
N TYR A 17 -3.75 -5.30 -11.85
CA TYR A 17 -3.89 -4.88 -13.25
C TYR A 17 -2.89 -5.64 -14.09
N PHE A 18 -3.38 -6.24 -15.17
CA PHE A 18 -2.53 -6.70 -16.27
C PHE A 18 -3.42 -6.66 -17.51
N ARG A 19 -3.24 -5.63 -18.34
CA ARG A 19 -4.09 -5.38 -19.50
C ARG A 19 -5.41 -4.75 -19.07
N GLN A 20 -6.03 -5.31 -18.04
CA GLN A 20 -7.30 -4.82 -17.51
C GLN A 20 -7.24 -4.82 -15.99
N SER A 21 -8.18 -4.13 -15.37
CA SER A 21 -8.30 -4.24 -13.92
C SER A 21 -8.81 -5.63 -13.55
N LEU A 22 -8.27 -6.17 -12.46
CA LEU A 22 -8.48 -7.56 -12.09
C LEU A 22 -9.37 -7.65 -10.86
N SER A 23 -9.92 -8.84 -10.65
CA SER A 23 -10.74 -9.12 -9.48
C SER A 23 -10.16 -10.22 -8.62
N TYR A 24 -8.99 -10.76 -8.98
CA TYR A 24 -8.39 -11.83 -8.19
C TYR A 24 -8.29 -11.46 -6.72
N LEU A 25 -8.64 -12.42 -5.87
CA LEU A 25 -8.24 -12.41 -4.46
C LEU A 25 -7.51 -13.71 -4.20
N GLU A 26 -6.22 -13.63 -3.94
CA GLU A 26 -5.45 -14.84 -3.67
C GLU A 26 -4.68 -14.67 -2.36
N ALA A 27 -4.42 -15.79 -1.71
CA ALA A 27 -3.68 -15.80 -0.48
C ALA A 27 -2.49 -16.75 -0.61
N TYR A 28 -1.38 -16.37 0.00
CA TYR A 28 -0.14 -17.11 -0.11
C TYR A 28 0.29 -17.55 1.28
N ASN A 29 0.86 -18.76 1.37
CA ASN A 29 1.27 -19.37 2.63
C ASN A 29 2.78 -19.53 2.65
N PRO A 30 3.52 -18.68 3.38
CA PRO A 30 4.98 -18.84 3.44
C PRO A 30 5.44 -20.09 4.18
N SER A 31 4.57 -20.80 4.91
CA SER A 31 5.00 -22.04 5.53
C SER A 31 5.23 -23.14 4.50
N ASP A 32 4.35 -23.25 3.50
CA ASP A 32 4.43 -24.33 2.54
C ASP A 32 4.43 -23.88 1.07
N GLY A 33 4.50 -22.57 0.79
CA GLY A 33 4.57 -22.12 -0.59
C GLY A 33 3.29 -22.21 -1.38
N THR A 34 2.18 -22.56 -0.75
CA THR A 34 0.91 -22.75 -1.46
C THR A 34 0.23 -21.42 -1.74
N TRP A 35 -0.60 -21.40 -2.78
CA TRP A 35 -1.47 -20.28 -3.11
C TRP A 35 -2.93 -20.75 -3.12
N LEU A 36 -3.79 -19.99 -2.49
CA LEU A 36 -5.23 -20.27 -2.46
C LEU A 36 -5.94 -19.29 -3.38
N ARG A 37 -6.96 -19.77 -4.08
CA ARG A 37 -7.85 -18.94 -4.87
C ARG A 37 -9.09 -18.67 -4.03
N LEU A 38 -9.33 -17.40 -3.72
CA LEU A 38 -10.48 -16.98 -2.91
C LEU A 38 -11.48 -16.21 -3.78
N ALA A 39 -12.57 -15.79 -3.14
CA ALA A 39 -13.69 -15.19 -3.85
C ALA A 39 -13.29 -13.91 -4.57
N ASP A 40 -13.65 -13.79 -5.84
CA ASP A 40 -13.34 -12.57 -6.60
C ASP A 40 -13.90 -11.32 -5.91
N LEU A 41 -13.32 -10.17 -6.24
CA LEU A 41 -13.94 -8.90 -5.88
C LEU A 41 -15.21 -8.69 -6.72
N GLN A 42 -16.16 -7.95 -6.16
CA GLN A 42 -17.36 -7.63 -6.93
C GLN A 42 -17.00 -6.81 -8.19
N VAL A 43 -16.21 -5.76 -8.02
CA VAL A 43 -15.79 -4.89 -9.12
C VAL A 43 -14.29 -5.02 -9.27
N PRO A 44 -13.74 -5.30 -10.45
CA PRO A 44 -12.29 -5.36 -10.60
C PRO A 44 -11.68 -4.00 -10.30
N ARG A 45 -10.54 -4.01 -9.61
CA ARG A 45 -9.87 -2.74 -9.29
C ARG A 45 -8.35 -2.91 -9.34
N SER A 46 -7.68 -1.85 -9.78
CA SER A 46 -6.26 -1.66 -9.58
C SER A 46 -6.06 -0.40 -8.77
N GLY A 47 -4.82 -0.19 -8.31
CA GLY A 47 -4.49 1.03 -7.60
C GLY A 47 -5.17 1.16 -6.25
N LEU A 48 -5.68 0.07 -5.70
CA LEU A 48 -6.31 0.10 -4.39
C LEU A 48 -5.27 -0.23 -3.33
N ALA A 49 -5.65 -0.15 -2.07
CA ALA A 49 -4.79 -0.59 -0.98
C ALA A 49 -5.54 -1.62 -0.13
N GLY A 50 -4.78 -2.51 0.51
CA GLY A 50 -5.33 -3.48 1.43
C GLY A 50 -5.03 -3.19 2.89
N CYS A 51 -5.87 -3.67 3.80
CA CYS A 51 -5.50 -3.62 5.20
C CYS A 51 -6.38 -4.60 5.97
N VAL A 52 -6.01 -4.83 7.23
CA VAL A 52 -6.70 -5.79 8.09
C VAL A 52 -7.12 -5.09 9.38
N VAL A 53 -8.36 -5.31 9.79
CA VAL A 53 -8.84 -4.87 11.11
C VAL A 53 -9.78 -5.96 11.64
N GLY A 54 -9.57 -6.33 12.90
CA GLY A 54 -10.38 -7.40 13.49
C GLY A 54 -10.47 -8.65 12.66
N GLY A 55 -9.39 -9.01 11.96
CA GLY A 55 -9.38 -10.22 11.14
C GLY A 55 -10.20 -10.13 9.87
N LEU A 56 -10.74 -8.97 9.54
CA LEU A 56 -11.38 -8.75 8.27
C LEU A 56 -10.41 -8.05 7.31
N LEU A 57 -10.42 -8.51 6.06
CA LEU A 57 -9.66 -7.87 4.99
C LEU A 57 -10.48 -6.75 4.37
N TYR A 58 -9.84 -5.60 4.17
CA TYR A 58 -10.49 -4.44 3.57
C TYR A 58 -9.77 -4.03 2.29
N ALA A 59 -10.54 -3.75 1.24
CA ALA A 59 -10.01 -3.30 -0.03
C ALA A 59 -10.51 -1.88 -0.28
N VAL A 60 -9.59 -0.93 -0.46
CA VAL A 60 -9.91 0.50 -0.39
C VAL A 60 -9.53 1.19 -1.68
N GLY A 61 -10.52 1.85 -2.30
CA GLY A 61 -10.25 2.73 -3.42
C GLY A 61 -9.76 2.03 -4.68
N GLY A 62 -8.88 2.74 -5.40
CA GLY A 62 -8.39 2.26 -6.67
C GLY A 62 -9.21 2.76 -7.84
N ARG A 63 -9.20 1.98 -8.92
CA ARG A 63 -9.88 2.32 -10.16
C ARG A 63 -10.41 1.04 -10.81
N ASN A 64 -11.56 1.14 -11.49
CA ASN A 64 -11.95 0.10 -12.43
C ASN A 64 -11.51 0.56 -13.82
N ASN A 65 -10.53 -0.15 -14.39
CA ASN A 65 -9.87 0.20 -15.65
C ASN A 65 -10.31 -0.75 -16.77
N GLY A 69 -17.37 0.96 -17.46
CA GLY A 69 -16.52 2.11 -17.76
C GLY A 69 -15.33 2.30 -16.82
N ASN A 70 -14.34 3.10 -17.24
CA ASN A 70 -13.12 3.34 -16.48
C ASN A 70 -13.29 4.51 -15.53
N THR A 71 -12.96 4.30 -14.25
CA THR A 71 -13.52 5.13 -13.20
C THR A 71 -12.83 4.92 -11.85
N ASP A 72 -12.42 6.01 -11.22
CA ASP A 72 -11.76 5.93 -9.92
C ASP A 72 -12.76 5.60 -8.82
N SER A 73 -12.34 4.77 -7.88
CA SER A 73 -13.26 4.16 -6.91
C SER A 73 -13.22 4.86 -5.55
N SER A 74 -14.40 5.15 -5.01
CA SER A 74 -14.54 5.56 -3.62
C SER A 74 -15.01 4.41 -2.74
N ALA A 75 -14.87 3.18 -3.20
CA ALA A 75 -15.50 2.04 -2.57
C ALA A 75 -14.62 1.49 -1.46
N LEU A 76 -15.31 0.96 -0.44
CA LEU A 76 -14.69 0.21 0.64
C LEU A 76 -15.41 -1.13 0.72
N ASP A 77 -14.65 -2.22 0.60
CA ASP A 77 -15.23 -3.54 0.60
C ASP A 77 -14.52 -4.41 1.61
N CYS A 78 -15.29 -5.26 2.26
CA CYS A 78 -14.80 -6.05 3.39
C CYS A 78 -14.86 -7.53 3.03
N TYR A 79 -13.80 -8.24 3.37
CA TYR A 79 -13.70 -9.66 3.07
C TYR A 79 -13.45 -10.45 4.35
N ASN A 80 -14.29 -11.45 4.58
CA ASN A 80 -14.23 -12.27 5.78
C ASN A 80 -13.59 -13.62 5.45
N PRO A 81 -12.32 -13.86 5.80
CA PRO A 81 -11.73 -15.17 5.49
C PRO A 81 -12.54 -16.35 6.00
N MET A 82 -13.27 -16.19 7.11
CA MET A 82 -14.10 -17.29 7.62
C MET A 82 -15.30 -17.58 6.72
N THR A 83 -15.94 -16.55 6.17
CA THR A 83 -17.06 -16.79 5.27
C THR A 83 -16.68 -16.87 3.80
N ASN A 84 -15.47 -16.45 3.44
CA ASN A 84 -15.04 -16.34 2.05
C ASN A 84 -16.03 -15.50 1.22
N GLN A 85 -16.50 -14.41 1.80
CA GLN A 85 -17.49 -13.54 1.17
C GLN A 85 -17.08 -12.07 1.28
N TRP A 86 -17.27 -11.34 0.20
CA TRP A 86 -17.08 -9.90 0.20
C TRP A 86 -18.37 -9.21 0.62
N SER A 87 -18.25 -8.01 1.20
CA SER A 87 -19.42 -7.24 1.67
C SER A 87 -19.10 -5.76 1.53
N PRO A 88 -19.98 -4.97 0.93
CA PRO A 88 -19.71 -3.55 0.78
C PRO A 88 -19.84 -2.80 2.09
N CYS A 89 -19.12 -1.67 2.21
CA CYS A 89 -19.22 -0.77 3.34
C CYS A 89 -19.43 0.65 2.86
N ALA A 90 -19.67 1.53 3.81
CA ALA A 90 -19.76 2.95 3.57
C ALA A 90 -18.66 3.39 2.61
N PRO A 91 -19.00 4.03 1.50
CA PRO A 91 -17.95 4.56 0.63
C PRO A 91 -17.26 5.78 1.26
N MET A 92 -16.05 6.05 0.76
CA MET A 92 -15.33 7.23 1.18
C MET A 92 -16.02 8.48 0.63
N SER A 93 -15.65 9.63 1.19
CA SER A 93 -16.20 10.90 0.72
C SER A 93 -15.84 11.19 -0.74
N VAL A 94 -14.74 10.65 -1.25
CA VAL A 94 -14.29 11.01 -2.60
C VAL A 94 -13.57 9.82 -3.21
N PRO A 95 -13.61 9.64 -4.53
CA PRO A 95 -12.84 8.55 -5.14
C PRO A 95 -11.35 8.78 -4.91
N ARG A 96 -10.63 7.69 -4.61
CA ARG A 96 -9.20 7.71 -4.28
C ARG A 96 -8.50 6.59 -5.04
N ASN A 97 -8.01 6.91 -6.23
CA ASN A 97 -7.18 5.97 -6.95
C ASN A 97 -5.72 6.16 -6.55
N ARG A 98 -4.96 5.07 -6.56
CA ARG A 98 -3.56 5.11 -6.11
C ARG A 98 -3.46 5.65 -4.68
N ILE A 99 -4.24 5.04 -3.79
CA ILE A 99 -4.46 5.42 -2.42
C ILE A 99 -3.42 4.74 -1.53
N GLY A 100 -3.13 5.37 -0.40
CA GLY A 100 -2.39 4.72 0.68
C GLY A 100 -3.32 4.59 1.87
N VAL A 101 -3.13 3.54 2.68
CA VAL A 101 -3.86 3.40 3.94
C VAL A 101 -2.95 2.90 5.05
N GLY A 102 -3.34 3.24 6.28
CA GLY A 102 -2.80 2.60 7.46
C GLY A 102 -3.92 2.46 8.48
N VAL A 103 -3.62 1.69 9.52
CA VAL A 103 -4.58 1.40 10.58
C VAL A 103 -4.05 1.94 11.90
N ILE A 104 -4.88 2.68 12.63
CA ILE A 104 -4.57 3.12 13.98
C ILE A 104 -5.75 2.76 14.88
N ASP A 105 -5.48 1.94 15.89
CA ASP A 105 -6.53 1.46 16.80
C ASP A 105 -7.78 1.01 16.08
N GLY A 106 -7.60 0.05 15.18
CA GLY A 106 -8.71 -0.56 14.48
C GLY A 106 -9.51 0.39 13.61
N HIS A 107 -8.94 1.56 13.30
CA HIS A 107 -9.57 2.52 12.41
C HIS A 107 -8.68 2.70 11.18
N ILE A 108 -9.32 2.80 10.01
CA ILE A 108 -8.59 2.80 8.73
C ILE A 108 -8.46 4.23 8.22
N TYR A 109 -7.22 4.67 7.98
CA TYR A 109 -6.98 5.97 7.38
C TYR A 109 -6.77 5.83 5.88
N ALA A 110 -7.59 6.52 5.09
CA ALA A 110 -7.43 6.61 3.64
C ALA A 110 -6.72 7.91 3.31
N VAL A 111 -5.56 7.82 2.67
CA VAL A 111 -4.64 8.94 2.51
C VAL A 111 -4.47 9.24 1.02
N GLY A 112 -4.84 10.45 0.61
CA GLY A 112 -4.42 10.95 -0.69
C GLY A 112 -5.15 10.28 -1.84
N GLY A 113 -4.39 9.97 -2.88
CA GLY A 113 -4.95 9.38 -4.07
C GLY A 113 -5.54 10.40 -5.01
N SER A 114 -6.08 9.90 -6.12
CA SER A 114 -6.56 10.75 -7.19
C SER A 114 -8.00 10.41 -7.56
N HIS A 115 -8.68 11.42 -8.07
CA HIS A 115 -9.99 11.34 -8.68
C HIS A 115 -9.85 12.10 -9.99
N GLY A 116 -9.77 11.39 -11.10
CA GLY A 116 -9.48 12.08 -12.34
C GLY A 116 -8.14 12.79 -12.22
N CYS A 117 -8.11 14.11 -12.43
CA CYS A 117 -6.94 14.98 -12.35
C CYS A 117 -6.72 15.59 -10.99
N ILE A 118 -7.74 15.51 -10.14
CA ILE A 118 -7.64 15.98 -8.78
C ILE A 118 -6.64 15.11 -8.03
N HIS A 119 -5.66 15.74 -7.41
CA HIS A 119 -4.72 15.05 -6.54
C HIS A 119 -5.05 15.42 -5.09
N HIS A 120 -5.49 14.43 -4.31
CA HIS A 120 -5.94 14.71 -2.95
C HIS A 120 -4.78 15.00 -2.00
N ASN A 121 -5.00 15.95 -1.10
CA ASN A 121 -4.28 15.94 0.16
C ASN A 121 -5.21 15.61 1.33
N SER A 122 -6.49 15.39 1.08
CA SER A 122 -7.41 15.05 2.16
C SER A 122 -7.15 13.63 2.67
N VAL A 123 -7.66 13.37 3.86
CA VAL A 123 -7.46 12.10 4.56
C VAL A 123 -8.72 11.83 5.37
N GLU A 124 -9.31 10.66 5.21
CA GLU A 124 -10.49 10.33 5.99
C GLU A 124 -10.27 9.01 6.72
N ARG A 125 -11.03 8.83 7.80
CA ARG A 125 -10.85 7.76 8.76
C ARG A 125 -12.15 6.97 8.89
N TYR A 126 -12.05 5.64 8.81
CA TYR A 126 -13.22 4.75 8.80
C TYR A 126 -13.34 4.01 10.12
N GLU A 127 -14.55 4.03 10.69
CA GLU A 127 -14.82 3.29 11.90
C GLU A 127 -15.54 1.99 11.56
N PRO A 128 -14.89 0.83 11.66
CA PRO A 128 -15.62 -0.43 11.37
C PRO A 128 -16.82 -0.62 12.27
N GLU A 129 -16.71 -0.25 13.54
CA GLU A 129 -17.81 -0.44 14.48
C GLU A 129 -19.00 0.44 14.16
N ARG A 130 -18.88 1.41 13.23
CA ARG A 130 -20.02 2.23 12.85
C ARG A 130 -20.27 2.35 11.34
N ASP A 131 -19.47 1.72 10.49
CA ASP A 131 -19.60 1.89 9.04
C ASP A 131 -19.73 3.36 8.67
N GLU A 132 -18.79 4.18 9.15
CA GLU A 132 -18.83 5.62 8.91
C GLU A 132 -17.43 6.13 8.64
N TRP A 133 -17.33 7.10 7.71
CA TRP A 133 -16.09 7.80 7.40
C TRP A 133 -16.19 9.24 7.88
N HIS A 134 -15.05 9.80 8.31
CA HIS A 134 -14.96 11.22 8.64
C HIS A 134 -13.60 11.79 8.21
N LEU A 135 -13.62 12.90 7.49
CA LEU A 135 -12.38 13.60 7.17
C LEU A 135 -11.64 13.97 8.45
N VAL A 136 -10.32 13.97 8.38
CA VAL A 136 -9.44 14.51 9.42
C VAL A 136 -8.63 15.59 8.74
N ALA A 137 -7.58 16.06 9.42
CA ALA A 137 -6.80 17.18 8.89
C ALA A 137 -6.15 16.80 7.56
N PRO A 138 -6.18 17.68 6.56
CA PRO A 138 -5.48 17.39 5.31
C PRO A 138 -3.98 17.45 5.47
N MET A 139 -3.30 16.69 4.63
CA MET A 139 -1.85 16.72 4.56
C MET A 139 -1.34 18.06 4.01
N LEU A 140 -0.06 18.32 4.27
CA LEU A 140 0.60 19.51 3.74
C LEU A 140 0.85 19.41 2.25
N THR A 141 0.90 18.20 1.70
CA THR A 141 1.16 17.97 0.29
C THR A 141 0.08 17.07 -0.33
N ARG A 142 -0.36 17.41 -1.54
N ARG A 142 -0.34 17.39 -1.55
CA ARG A 142 -1.19 16.47 -2.29
CA ARG A 142 -1.18 16.48 -2.31
C ARG A 142 -0.32 15.29 -2.69
C ARG A 142 -0.35 15.28 -2.76
N ARG A 143 -0.82 14.07 -2.45
CA ARG A 143 -0.04 12.85 -2.73
C ARG A 143 -0.93 11.77 -3.30
N ILE A 144 -0.57 11.30 -4.48
CA ILE A 144 -1.13 10.09 -5.05
C ILE A 144 0.03 9.13 -5.26
N GLY A 145 -0.27 7.83 -5.25
CA GLY A 145 0.78 6.83 -5.23
C GLY A 145 1.67 7.03 -4.03
N VAL A 146 1.04 7.21 -2.85
CA VAL A 146 1.74 7.54 -1.61
C VAL A 146 1.84 6.29 -0.74
N GLY A 147 2.97 6.14 -0.06
CA GLY A 147 3.16 5.06 0.87
C GLY A 147 2.75 5.47 2.26
N VAL A 148 2.16 4.53 2.98
CA VAL A 148 1.59 4.80 4.29
C VAL A 148 2.10 3.75 5.27
N ALA A 149 2.53 4.20 6.44
CA ALA A 149 3.06 3.35 7.50
C ALA A 149 2.64 3.92 8.85
N VAL A 150 2.26 3.03 9.77
CA VAL A 150 1.83 3.43 11.12
C VAL A 150 2.93 3.03 12.07
N LEU A 151 3.41 3.99 12.84
CA LEU A 151 4.54 3.75 13.73
C LEU A 151 4.36 4.63 14.95
N ASN A 152 4.45 4.03 16.14
CA ASN A 152 4.32 4.78 17.40
C ASN A 152 3.03 5.58 17.45
N ARG A 153 1.93 4.96 17.02
CA ARG A 153 0.61 5.59 16.95
C ARG A 153 0.64 6.88 16.13
N LEU A 154 1.58 6.98 15.20
CA LEU A 154 1.68 8.06 14.25
C LEU A 154 1.53 7.48 12.84
N LEU A 155 0.80 8.19 11.98
CA LEU A 155 0.63 7.82 10.58
C LEU A 155 1.62 8.60 9.72
N TYR A 156 2.48 7.89 9.00
CA TYR A 156 3.45 8.49 8.08
C TYR A 156 3.01 8.36 6.63
N ALA A 157 3.07 9.47 5.89
CA ALA A 157 2.76 9.51 4.47
C ALA A 157 4.03 9.82 3.69
N VAL A 158 4.46 8.88 2.84
CA VAL A 158 5.80 8.89 2.24
C VAL A 158 5.68 8.97 0.73
N GLY A 159 6.36 9.94 0.11
CA GLY A 159 6.52 10.01 -1.33
C GLY A 159 5.23 10.26 -2.11
N GLY A 160 5.21 9.76 -3.34
CA GLY A 160 4.09 9.95 -4.23
C GLY A 160 4.29 11.03 -5.27
N PHE A 161 3.18 11.43 -5.87
CA PHE A 161 3.13 12.42 -6.92
C PHE A 161 2.06 13.44 -6.52
N ASP A 162 2.38 14.73 -6.61
CA ASP A 162 1.45 15.79 -6.20
C ASP A 162 0.75 16.46 -7.36
N GLY A 163 0.87 15.93 -8.57
CA GLY A 163 0.30 16.52 -9.75
C GLY A 163 1.28 17.34 -10.55
N THR A 164 2.39 17.73 -9.93
CA THR A 164 3.47 18.45 -10.59
C THR A 164 4.79 17.70 -10.47
N ASN A 165 5.25 17.43 -9.26
CA ASN A 165 6.51 16.74 -9.03
C ASN A 165 6.30 15.38 -8.38
N ARG A 166 7.18 14.45 -8.70
CA ARG A 166 7.31 13.30 -7.85
C ARG A 166 8.04 13.72 -6.60
N LEU A 167 7.73 13.08 -5.50
CA LEU A 167 8.12 13.55 -4.19
C LEU A 167 9.16 12.64 -3.58
N ASN A 168 10.12 13.23 -2.89
CA ASN A 168 10.85 12.49 -1.87
C ASN A 168 10.46 12.92 -0.47
N SER A 169 9.53 13.86 -0.33
CA SER A 169 9.13 14.34 0.99
C SER A 169 8.33 13.28 1.73
N ALA A 170 8.23 13.47 3.05
CA ALA A 170 7.41 12.64 3.91
C ALA A 170 6.81 13.52 5.01
N GLU A 171 5.67 13.11 5.53
CA GLU A 171 5.07 13.89 6.61
C GLU A 171 4.32 12.96 7.55
N CYS A 172 3.93 13.53 8.68
CA CYS A 172 3.57 12.76 9.86
C CYS A 172 2.26 13.30 10.40
N TYR A 173 1.31 12.41 10.65
CA TYR A 173 0.03 12.81 11.21
C TYR A 173 -0.02 12.43 12.67
N TYR A 174 -0.39 13.39 13.50
CA TYR A 174 -0.50 13.26 14.95
C TYR A 174 -1.98 13.13 15.32
N PRO A 175 -2.48 11.93 15.57
CA PRO A 175 -3.94 11.78 15.78
C PRO A 175 -4.49 12.59 16.96
N GLU A 176 -3.89 12.53 18.16
CA GLU A 176 -4.39 13.34 19.28
C GLU A 176 -4.46 14.83 18.93
N ARG A 177 -3.45 15.35 18.24
CA ARG A 177 -3.46 16.76 17.87
C ARG A 177 -4.16 17.03 16.56
N ASN A 178 -4.43 15.99 15.76
CA ASN A 178 -5.03 16.14 14.43
C ASN A 178 -4.26 17.16 13.58
N GLU A 179 -2.94 16.94 13.43
CA GLU A 179 -2.14 17.78 12.56
C GLU A 179 -0.95 17.00 11.97
N TRP A 180 -0.39 17.58 10.91
CA TRP A 180 0.67 16.99 10.10
C TRP A 180 1.92 17.86 10.19
N ARG A 181 3.09 17.22 10.32
CA ARG A 181 4.37 17.91 10.21
C ARG A 181 5.25 17.16 9.20
N MET A 182 5.95 17.92 8.36
CA MET A 182 6.94 17.33 7.47
C MET A 182 8.02 16.65 8.28
N ILE A 183 8.49 15.50 7.81
CA ILE A 183 9.67 14.87 8.40
C ILE A 183 10.82 14.92 7.41
N THR A 184 11.93 14.28 7.78
CA THR A 184 13.10 14.18 6.91
C THR A 184 12.74 13.58 5.55
N ALA A 185 13.25 14.20 4.48
CA ALA A 185 12.98 13.69 3.15
C ALA A 185 13.81 12.44 2.88
N MET A 186 13.33 11.62 1.95
CA MET A 186 14.03 10.42 1.52
C MET A 186 15.22 10.79 0.64
N ASN A 187 16.15 9.85 0.51
CA ASN A 187 17.26 10.02 -0.42
C ASN A 187 16.76 10.05 -1.87
N THR A 188 15.78 9.23 -2.20
CA THR A 188 15.31 9.07 -3.57
C THR A 188 13.85 9.47 -3.72
N ILE A 189 13.52 10.03 -4.88
CA ILE A 189 12.14 10.33 -5.26
C ILE A 189 11.40 9.02 -5.52
N ARG A 190 10.19 8.88 -4.97
CA ARG A 190 9.45 7.62 -5.09
C ARG A 190 7.95 7.87 -5.13
N SER A 191 7.30 7.63 -6.27
CA SER A 191 5.88 7.39 -6.29
C SER A 191 5.64 5.90 -6.56
N GLY A 192 4.50 5.40 -6.07
CA GLY A 192 4.20 3.99 -6.18
C GLY A 192 5.24 3.08 -5.57
N ALA A 193 5.77 3.47 -4.42
CA ALA A 193 6.66 2.57 -3.69
C ALA A 193 5.87 1.66 -2.77
N GLY A 194 6.55 0.66 -2.25
CA GLY A 194 6.06 -0.13 -1.15
C GLY A 194 6.59 0.43 0.16
N VAL A 195 5.66 0.75 1.06
CA VAL A 195 6.01 1.37 2.34
C VAL A 195 5.34 0.54 3.44
N CYS A 196 6.16 0.06 4.38
CA CYS A 196 5.70 -0.74 5.49
C CYS A 196 6.56 -0.44 6.71
N VAL A 197 6.28 -1.15 7.79
CA VAL A 197 6.95 -0.98 9.06
C VAL A 197 7.49 -2.32 9.51
N LEU A 198 8.75 -2.34 9.94
CA LEU A 198 9.41 -3.56 10.38
C LEU A 198 10.46 -3.19 11.43
N HIS A 199 10.36 -3.80 12.62
CA HIS A 199 11.30 -3.58 13.72
C HIS A 199 11.53 -2.09 13.95
N ASN A 200 10.45 -1.34 14.02
CA ASN A 200 10.47 0.07 14.42
C ASN A 200 11.06 1.02 13.37
N CYS A 201 11.28 0.57 12.13
CA CYS A 201 11.66 1.44 11.04
C CYS A 201 10.63 1.39 9.93
N ILE A 202 10.49 2.52 9.22
CA ILE A 202 9.72 2.60 7.98
C ILE A 202 10.60 2.16 6.82
N TYR A 203 10.13 1.21 6.04
CA TYR A 203 10.81 0.82 4.82
C TYR A 203 10.08 1.37 3.60
N ALA A 204 10.86 1.84 2.64
CA ALA A 204 10.37 2.33 1.37
C ALA A 204 11.06 1.53 0.29
N ALA A 205 10.35 0.60 -0.32
CA ALA A 205 10.94 -0.27 -1.35
C ALA A 205 10.43 0.13 -2.72
N GLY A 206 11.36 0.41 -3.64
CA GLY A 206 11.01 0.53 -5.06
C GLY A 206 10.33 1.85 -5.39
N GLY A 207 9.37 1.78 -6.31
CA GLY A 207 8.71 2.97 -6.81
C GLY A 207 9.38 3.54 -8.04
N TYR A 208 8.91 4.73 -8.41
CA TYR A 208 9.27 5.39 -9.66
C TYR A 208 9.81 6.77 -9.34
N ASP A 209 11.00 7.08 -9.85
CA ASP A 209 11.68 8.31 -9.49
C ASP A 209 11.47 9.43 -10.50
N GLY A 210 10.63 9.21 -11.51
CA GLY A 210 10.42 10.21 -12.53
C GLY A 210 10.94 9.73 -13.87
N GLN A 211 12.08 9.05 -13.88
CA GLN A 211 12.56 8.47 -15.13
C GLN A 211 12.56 6.94 -15.14
N ASP A 212 12.92 6.27 -14.06
CA ASP A 212 12.88 4.81 -14.07
C ASP A 212 12.30 4.22 -12.77
N GLN A 213 11.83 2.97 -12.88
CA GLN A 213 11.46 2.20 -11.70
C GLN A 213 12.70 1.83 -10.91
N LEU A 214 12.59 1.88 -9.59
CA LEU A 214 13.75 1.71 -8.74
C LEU A 214 13.75 0.33 -8.08
N ASN A 215 14.96 -0.15 -7.78
CA ASN A 215 15.11 -1.29 -6.90
C ASN A 215 15.79 -0.91 -5.58
N SER A 216 16.07 0.36 -5.35
CA SER A 216 16.66 0.76 -4.08
C SER A 216 15.63 0.66 -2.95
N VAL A 217 16.13 0.58 -1.73
CA VAL A 217 15.31 0.42 -0.53
C VAL A 217 15.91 1.29 0.57
N GLU A 218 15.13 2.21 1.13
CA GLU A 218 15.58 3.06 2.22
C GLU A 218 14.81 2.73 3.49
N ARG A 219 15.51 2.75 4.61
CA ARG A 219 14.93 2.54 5.92
C ARG A 219 15.03 3.83 6.71
N TYR A 220 13.90 4.30 7.22
CA TYR A 220 13.85 5.47 8.08
C TYR A 220 13.99 5.04 9.52
N ASP A 221 14.96 5.61 10.23
CA ASP A 221 15.15 5.34 11.65
C ASP A 221 14.63 6.54 12.42
N VAL A 222 13.55 6.33 13.19
CA VAL A 222 12.87 7.44 13.84
C VAL A 222 13.82 8.19 14.76
N GLU A 223 14.52 7.46 15.62
CA GLU A 223 15.34 8.12 16.62
C GLU A 223 16.33 9.09 16.00
N THR A 224 16.99 8.69 14.91
CA THR A 224 17.98 9.55 14.28
C THR A 224 17.41 10.44 13.17
N GLU A 225 16.14 10.25 12.80
CA GLU A 225 15.47 11.04 11.75
C GLU A 225 16.24 11.00 10.42
N THR A 226 16.79 9.84 10.07
CA THR A 226 17.59 9.68 8.87
C THR A 226 17.06 8.53 8.01
N TRP A 227 17.26 8.66 6.70
CA TRP A 227 16.94 7.61 5.73
C TRP A 227 18.25 6.98 5.25
N THR A 228 18.43 5.69 5.49
CA THR A 228 19.63 5.00 5.04
C THR A 228 19.28 3.85 4.10
N PHE A 229 20.07 3.70 3.03
CA PHE A 229 19.84 2.61 2.10
C PHE A 229 20.17 1.26 2.74
N VAL A 230 19.46 0.22 2.28
CA VAL A 230 19.73 -1.16 2.63
C VAL A 230 19.77 -1.94 1.33
N ALA A 231 19.80 -3.27 1.43
CA ALA A 231 20.02 -4.10 0.25
C ALA A 231 18.93 -3.86 -0.79
N PRO A 232 19.28 -3.67 -2.05
CA PRO A 232 18.26 -3.46 -3.08
C PRO A 232 17.63 -4.77 -3.53
N MET A 233 16.43 -4.65 -4.08
CA MET A 233 15.67 -5.80 -4.57
C MET A 233 16.33 -6.36 -5.83
N LYS A 234 15.98 -7.61 -6.16
CA LYS A 234 16.41 -8.17 -7.43
C LYS A 234 15.75 -7.43 -8.58
N HIS A 235 14.42 -7.36 -8.60
CA HIS A 235 13.67 -6.77 -9.70
C HIS A 235 13.18 -5.37 -9.33
N ARG A 236 13.66 -4.35 -10.04
CA ARG A 236 13.12 -3.02 -9.84
C ARG A 236 11.62 -3.01 -10.17
N ARG A 237 10.86 -2.17 -9.47
CA ARG A 237 9.41 -2.25 -9.60
C ARG A 237 8.77 -1.03 -8.95
N SER A 238 7.60 -0.68 -9.47
CA SER A 238 6.71 0.29 -8.84
C SER A 238 5.29 -0.24 -8.89
N ALA A 239 4.42 0.36 -8.07
CA ALA A 239 3.06 -0.15 -7.91
C ALA A 239 3.10 -1.60 -7.44
N LEU A 240 3.97 -1.86 -6.48
CA LEU A 240 4.14 -3.18 -5.91
C LEU A 240 3.28 -3.33 -4.66
N GLY A 241 2.92 -4.57 -4.38
CA GLY A 241 2.32 -4.87 -3.12
C GLY A 241 3.39 -5.13 -2.08
N ILE A 242 3.07 -4.79 -0.84
CA ILE A 242 4.05 -4.99 0.22
C ILE A 242 3.31 -5.37 1.49
N THR A 243 3.96 -6.19 2.30
CA THR A 243 3.46 -6.49 3.63
C THR A 243 4.60 -7.07 4.45
N VAL A 244 4.32 -7.25 5.74
CA VAL A 244 5.27 -7.83 6.68
C VAL A 244 4.63 -9.09 7.27
N HIS A 245 5.40 -10.17 7.29
CA HIS A 245 4.94 -11.45 7.79
C HIS A 245 6.08 -12.14 8.51
N GLN A 246 5.82 -12.57 9.74
CA GLN A 246 6.83 -13.10 10.66
C GLN A 246 8.17 -12.42 10.45
N GLY A 247 8.21 -11.11 10.65
CA GLY A 247 9.48 -10.43 10.74
C GLY A 247 10.27 -10.26 9.46
N ARG A 248 9.68 -10.53 8.29
CA ARG A 248 10.31 -10.25 7.01
C ARG A 248 9.35 -9.45 6.11
N ILE A 249 9.93 -8.76 5.11
CA ILE A 249 9.16 -7.96 4.16
C ILE A 249 8.87 -8.80 2.93
N TYR A 250 7.66 -8.67 2.39
CA TYR A 250 7.29 -9.31 1.13
C TYR A 250 6.77 -8.26 0.15
N VAL A 251 7.39 -8.20 -1.03
CA VAL A 251 6.89 -7.37 -2.12
C VAL A 251 6.31 -8.27 -3.20
N LEU A 252 5.18 -7.86 -3.76
CA LEU A 252 4.42 -8.69 -4.68
C LEU A 252 4.16 -7.93 -5.98
N GLY A 253 4.65 -8.48 -7.09
CA GLY A 253 4.27 -7.94 -8.39
C GLY A 253 4.78 -6.53 -8.62
N GLY A 254 4.05 -5.79 -9.44
CA GLY A 254 4.43 -4.44 -9.82
C GLY A 254 4.88 -4.37 -11.27
N TYR A 255 5.32 -3.18 -11.66
CA TYR A 255 5.72 -2.86 -13.02
C TYR A 255 7.19 -2.45 -13.01
N ASP A 256 7.98 -3.04 -13.90
CA ASP A 256 9.41 -2.75 -13.95
C ASP A 256 9.80 -1.87 -15.15
N GLY A 257 8.84 -1.28 -15.86
CA GLY A 257 9.08 -0.47 -17.03
C GLY A 257 8.65 -1.14 -18.32
N HIS A 258 8.63 -2.46 -18.34
CA HIS A 258 8.23 -3.23 -19.50
C HIS A 258 7.38 -4.44 -19.17
N THR A 259 7.49 -5.00 -17.97
CA THR A 259 6.81 -6.21 -17.58
C THR A 259 5.93 -5.97 -16.37
N PHE A 260 4.80 -6.67 -16.32
CA PHE A 260 4.02 -6.80 -15.09
C PHE A 260 4.52 -8.02 -14.35
N LEU A 261 5.21 -7.79 -13.23
CA LEU A 261 5.93 -8.85 -12.55
C LEU A 261 4.98 -9.83 -11.86
N ASP A 262 5.39 -11.09 -11.79
CA ASP A 262 4.76 -12.06 -10.89
C ASP A 262 5.71 -12.46 -9.76
N SER A 263 6.88 -11.83 -9.70
CA SER A 263 7.88 -12.15 -8.69
C SER A 263 7.49 -11.64 -7.30
N VAL A 264 7.71 -12.48 -6.29
CA VAL A 264 7.55 -12.10 -4.87
C VAL A 264 8.92 -12.26 -4.21
N GLU A 265 9.53 -11.13 -3.82
CA GLU A 265 10.82 -11.12 -3.14
C GLU A 265 10.63 -10.92 -1.62
N CYS A 266 11.52 -11.53 -0.85
CA CYS A 266 11.44 -11.55 0.61
C CYS A 266 12.72 -10.98 1.21
N TYR A 267 12.60 -9.91 1.99
CA TYR A 267 13.74 -9.28 2.63
C TYR A 267 13.88 -9.82 4.06
N ASP A 268 15.07 -10.35 4.37
CA ASP A 268 15.42 -10.68 5.75
C ASP A 268 16.27 -9.57 6.32
N PRO A 269 15.82 -8.88 7.37
CA PRO A 269 16.60 -7.79 7.94
C PRO A 269 17.77 -8.26 8.81
N ASP A 270 17.82 -9.53 9.18
CA ASP A 270 18.96 -9.99 9.95
C ASP A 270 20.17 -10.23 9.05
N THR A 271 19.95 -10.69 7.82
CA THR A 271 21.03 -10.88 6.86
C THR A 271 21.06 -9.81 5.78
N ASP A 272 20.11 -8.85 5.79
CA ASP A 272 20.03 -7.78 4.77
C ASP A 272 20.03 -8.33 3.35
N THR A 273 19.27 -9.42 3.12
CA THR A 273 19.21 -10.08 1.82
C THR A 273 17.77 -10.13 1.28
N TRP A 274 17.67 -10.03 -0.04
CA TRP A 274 16.43 -10.24 -0.78
C TRP A 274 16.53 -11.54 -1.54
N SER A 275 15.54 -12.41 -1.39
CA SER A 275 15.45 -13.63 -2.17
C SER A 275 14.06 -13.75 -2.78
N GLU A 276 13.99 -14.23 -4.02
CA GLU A 276 12.72 -14.61 -4.63
C GLU A 276 12.21 -15.87 -3.96
N VAL A 277 10.95 -15.87 -3.55
CA VAL A 277 10.40 -16.95 -2.74
C VAL A 277 9.22 -17.63 -3.39
N THR A 278 8.60 -17.02 -4.39
CA THR A 278 7.49 -17.62 -5.11
C THR A 278 7.11 -16.68 -6.24
N ARG A 279 6.21 -17.14 -7.09
CA ARG A 279 5.65 -16.31 -8.12
C ARG A 279 4.14 -16.31 -7.94
N MET A 280 3.52 -15.18 -8.22
CA MET A 280 2.07 -15.17 -8.28
C MET A 280 1.62 -16.03 -9.46
N THR A 281 0.36 -16.47 -9.38
CA THR A 281 -0.21 -17.27 -10.46
C THR A 281 -0.23 -16.53 -11.79
N SER A 282 -0.06 -15.21 -11.76
CA SER A 282 0.04 -14.38 -12.96
C SER A 282 0.62 -13.04 -12.55
N GLY A 283 1.30 -12.39 -13.50
CA GLY A 283 1.94 -11.10 -13.22
C GLY A 283 0.92 -9.96 -13.27
N ARG A 284 1.05 -9.05 -12.31
CA ARG A 284 0.06 -7.99 -12.11
C ARG A 284 0.71 -6.81 -11.38
N SER A 285 0.03 -5.68 -11.43
CA SER A 285 0.46 -4.46 -10.81
C SER A 285 -0.69 -3.88 -10.00
N GLY A 286 -0.39 -2.93 -9.13
CA GLY A 286 -1.41 -2.23 -8.40
C GLY A 286 -2.32 -3.10 -7.55
N VAL A 287 -1.75 -4.02 -6.76
CA VAL A 287 -2.52 -4.91 -5.90
C VAL A 287 -2.63 -4.29 -4.51
N GLY A 288 -3.70 -4.65 -3.82
CA GLY A 288 -3.85 -4.37 -2.39
C GLY A 288 -3.44 -5.59 -1.60
N VAL A 289 -2.63 -5.38 -0.57
CA VAL A 289 -1.95 -6.47 0.13
C VAL A 289 -2.10 -6.33 1.64
N ALA A 290 -2.32 -7.45 2.32
CA ALA A 290 -2.55 -7.48 3.76
C ALA A 290 -2.31 -8.89 4.28
N VAL A 291 -2.13 -8.98 5.59
CA VAL A 291 -1.82 -10.24 6.25
C VAL A 291 -2.82 -10.48 7.36
N THR A 292 -3.40 -11.67 7.38
CA THR A 292 -4.19 -12.09 8.53
C THR A 292 -4.23 -13.62 8.60
C10 HB6 B . 1.08 4.18 -8.51
C10 HB6 B . -0.76 2.32 -8.67
N12 HB6 B . -1.73 1.36 -11.51
N12 HB6 B . 2.48 5.56 -10.69
C17 HB6 B . -0.26 0.16 -13.80
C17 HB6 B . 4.51 4.86 -12.38
C20 HB6 B . 1.05 0.59 -16.23
C20 HB6 B . 5.15 4.71 -15.10
C21 HB6 B . -0.28 0.33 -16.23
C21 HB6 B . 4.64 3.62 -14.47
C22 HB6 B . -0.96 0.11 -15.00
C22 HB6 B . 4.30 3.68 -13.10
C24 HB6 B . 1.31 0.06 -18.57
C24 HB6 B . 6.76 3.97 -16.69
C28 HB6 B . 4.09 3.41 -13.15
C28 HB6 B . 1.02 0.55 -13.97
C01 HB6 B . 0.76 3.99 -12.27
C01 HB6 B . -0.05 3.33 -12.25
C02 HB6 B . -0.23 2.99 -12.41
C02 HB6 B . 0.97 4.28 -12.04
C03 HB6 B . -0.77 2.40 -11.27
C03 HB6 B . 1.40 4.60 -10.72
C04 HB6 B . -0.33 2.79 -9.95
C04 HB6 B . 0.84 3.93 -9.59
C05 HB6 B . 0.63 3.78 -9.81
C05 HB6 B . -0.17 2.98 -9.80
C06 HB6 B . 1.17 4.42 -10.99
C06 HB6 B . -0.62 2.69 -11.14
C07 HB6 B . -0.89 2.16 -8.77
C07 HB6 B . 1.27 4.22 -8.24
C08 HB6 B . -0.47 2.56 -7.49
C08 HB6 B . 0.69 3.57 -7.14
C09 HB6 B . 0.51 3.56 -7.35
C09 HB6 B . -0.34 2.61 -7.36
C18 HB6 B . 1.09 0.42 -13.80
C18 HB6 B . 5.01 5.96 -13.03
C19 HB6 B . 1.76 0.65 -15.01
C19 HB6 B . 5.35 5.90 -14.38
C27 HB6 B . 4.46 4.54 -12.44
C27 HB6 B . -0.34 0.33 -13.85
C29 HB6 B . 4.57 3.21 -14.47
C29 HB6 B . 1.63 0.66 -15.26
C30 HB6 B . 5.39 4.15 -15.08
C30 HB6 B . 0.89 0.55 -16.45
C31 HB6 B . 5.77 5.28 -14.36
C31 HB6 B . -0.47 0.29 -16.34
C32 HB6 B . 5.28 5.49 -13.04
C32 HB6 B . -1.09 0.18 -15.05
C34 HB6 B . -3.11 1.58 -11.11
C34 HB6 B . 2.37 6.99 -10.98
C35 HB6 B . -3.80 2.85 -11.75
C35 HB6 B . 1.93 8.07 -9.92
C38 HB6 B . 2.14 6.90 -11.41
C38 HB6 B . -3.05 2.03 -10.90
C39 HB6 B . 1.84 7.78 -10.26
C39 HB6 B . -3.75 2.87 -11.92
C42 HB6 B . 6.06 5.14 -17.34
C42 HB6 B . 0.82 0.66 -19.08
C43 HB6 B . 6.69 4.92 -18.74
C43 HB6 B . 1.49 0.75 -20.49
C49 HB6 B . 3.01 4.41 -20.18
C49 HB6 B . 0.06 4.11 -21.67
C50 HB6 B . 1.60 3.89 -19.88
C50 HB6 B . 0.95 4.78 -22.73
C51 HB6 B . 6.04 6.29 -21.82
C51 HB6 B . 4.75 2.76 -20.82
C52 HB6 B . 5.01 7.41 -21.61
C52 HB6 B . 5.76 3.91 -20.62
N11 HB6 B . 2.25 5.45 -11.01
N11 HB6 B . -1.67 1.68 -11.39
N33 HB6 B . 5.93 3.99 -16.42
N33 HB6 B . 1.55 0.65 -17.77
N36 HB6 B . -5.19 3.18 -11.37
N36 HB6 B . 1.85 7.75 -8.50
N40 HB6 B . 1.75 9.18 -10.51
N40 HB6 B . -3.22 3.11 -13.21
O15 HB6 B . -2.18 -1.18 -12.35
O15 HB6 B . 4.96 5.81 -9.80
O16 HB6 B . -0.25 -0.80 -11.28
O16 HB6 B . 4.13 3.64 -9.97
O23 HB6 B . 1.76 0.82 -17.42
O23 HB6 B . 5.50 4.65 -16.45
O25 HB6 B . 4.66 5.70 -9.94
O25 HB6 B . -0.34 -0.61 -11.32
O26 HB6 B . 3.85 3.57 -9.95
O26 HB6 B . -2.33 -0.73 -12.31
O37 HB6 B . -3.19 3.54 -12.52
O37 HB6 B . 1.67 9.18 -10.33
O41 HB6 B . 1.70 7.36 -9.16
O41 HB6 B . -4.77 3.37 -11.63
O44 HB6 B . 5.69 6.24 -16.97
O44 HB6 B . -0.37 0.59 -19.11
O46 HB6 B . 4.03 3.95 -19.37
O46 HB6 B . 0.85 3.55 -20.66
O47 HB6 B . 6.12 2.89 -20.32
O47 HB6 B . 2.38 2.48 -22.36
O48 HB6 B . 5.44 5.03 -21.47
O48 HB6 B . 3.47 2.98 -20.17
P45 HB6 B . 5.55 4.17 -20.03
P45 HB6 B . 2.09 2.49 -20.95
S13 HB6 B . 3.84 4.81 -10.72
S13 HB6 B . -1.19 0.17 -12.19
S14 HB6 B . -1.14 -0.13 -12.20
S14 HB6 B . 4.07 4.94 -10.61
H101 HB6 B . 1.84 4.97 -8.39
H101 HB6 B . -1.56 1.56 -8.83
H211 HB6 B . -0.84 0.30 -17.18
H211 HB6 B . 4.49 2.68 -15.03
H221 HB6 B . -1.98 -0.09 -15.00
H221 HB6 B . 3.89 2.85 -12.62
H242 HB6 B . 2.05 0.18 -19.39
H242 HB6 B . 7.42 4.12 -15.81
H243 HB6 B . 0.33 0.43 -18.90
H243 HB6 B . 6.59 2.89 -16.85
H241 HB6 B . 1.24 -1.01 -18.30
H241 HB6 B . 7.25 4.40 -17.59
H281 HB6 B . 3.41 2.66 -12.67
H281 HB6 B . 1.64 0.65 -13.05
H011 HB6 B . 1.19 4.43 -13.14
H011 HB6 B . -0.37 3.10 -13.24
H021 HB6 B . -0.55 2.69 -13.40
H021 HB6 B . 1.44 4.77 -12.89
H071 HB6 B . -1.65 1.38 -8.86
H071 HB6 B . 2.07 4.96 -8.07
H081 HB6 B . -0.90 2.08 -6.59
H081 HB6 B . 1.03 3.80 -6.11
H091 HB6 B . 0.85 3.87 -6.36
H091 HB6 B . -0.79 2.11 -6.51
H181 HB6 B . 1.63 0.45 -12.85
H181 HB6 B . 5.15 6.89 -12.48
H191 HB6 B . 2.80 0.85 -15.01
H191 HB6 B . 5.75 6.75 -14.87
H291 HB6 B . 4.30 2.29 -15.02
H291 HB6 B . 2.71 0.85 -15.32
H311 HB6 B . 6.46 6.05 -14.83
H311 HB6 B . -1.10 0.18 -17.28
H321 HB6 B . 5.56 6.40 -12.49
H321 HB6 B . -2.16 -0.02 -14.99
H342 HB6 B . -3.69 0.71 -11.39
H342 HB6 B . 1.67 7.07 -11.79
H341 HB6 B . -3.14 1.69 -10.04
H341 HB6 B . 3.35 7.29 -11.31
H382 HB6 B . 3.10 7.22 -11.87
H382 HB6 B . -2.99 2.58 -9.94
H381 HB6 B . 1.33 7.00 -12.16
H381 HB6 B . -3.63 1.10 -10.73
H432 HB6 B . 7.57 4.24 -18.62
H432 HB6 B . 0.76 0.42 -21.26
H431 HB6 B . 7.06 5.90 -19.13
H431 HB6 B . 2.37 0.07 -20.52
H492 HB6 B . 2.98 5.49 -20.09
H492 HB6 B . -0.51 3.33 -22.14
H491 HB6 B . 3.24 4.14 -21.20
H491 HB6 B . -0.60 4.85 -21.25
H501 HB6 B . 1.15 4.52 -19.10
H501 HB6 B . 2.00 4.62 -22.47
H503 HB6 B . 1.67 2.86 -19.52
H503 HB6 B . 0.74 5.86 -22.74
H502 HB6 B . 0.99 3.93 -20.79
H502 HB6 B . 0.73 4.36 -23.71
H511 HB6 B . 6.90 6.47 -21.19
H511 HB6 B . 5.18 1.87 -20.44
H512 HB6 B . 6.36 6.26 -22.85
H512 HB6 B . 4.57 2.66 -21.87
H523 HB6 B . 4.41 7.20 -20.69
H523 HB6 B . 6.81 3.49 -20.60
H521 HB6 B . 4.32 7.45 -22.50
H521 HB6 B . 5.56 4.43 -19.64
H522 HB6 B . 5.53 8.39 -21.51
H522 HB6 B . 5.67 4.66 -21.46
H331 HB6 B . 6.22 3.08 -16.72
H331 HB6 B . 2.55 0.71 -17.79
H361 HB6 B . -5.64 4.00 -11.78
H361 HB6 B . 2.07 6.81 -8.18
H362 HB6 B . -5.69 2.59 -10.73
H362 HB6 B . 1.57 8.47 -7.87
H401 HB6 B . 1.55 9.82 -9.77
H401 HB6 B . -2.36 2.71 -13.50
H402 HB6 B . 1.87 9.51 -11.45
H402 HB6 B . -3.73 3.71 -13.86
#